data_8TG2
#
_entry.id   8TG2
#
_cell.length_a   107.090
_cell.length_b   121.900
_cell.length_c   60.960
_cell.angle_alpha   90.00
_cell.angle_beta   105.69
_cell.angle_gamma   90.00
#
_symmetry.space_group_name_H-M   'C 1 2 1'
#
loop_
_entity.id
_entity.type
_entity.pdbx_description
1 polymer 'UTP-monosaccharide-1-phosphate uridylyltransferase'
2 non-polymer "URIDINE-5'-DIPHOSPHATE-GLUCOSE"
3 non-polymer 'PYROPHOSPHATE 2-'
4 water water
#
_entity_poly.entity_id   1
_entity_poly.type   'polypeptide(L)'
_entity_poly.pdbx_seq_one_letter_code
;NPSNSNLQALREELCTPGLDQGHLFEGWPETVDECNERQIALLTDLYMFSNMYPGGVAQYIRNGHELLARESEEVDFAAL
EMPPLIFEAPSLHRRTAERTALENAGTAMLCKTVFVLVAGGLGERLGYSSIKVSLPVETATNTTYLAYYLRWAQRVGGKE
VPFVIMTSDDTHDRTLQLLRELQLEVPNLHVLKQGQVFCFADSAAHLALDETGKLLRKPHGHGDVHSLIYNATVKRDVVP
DSGDGTATAQPLVNDWLAAGYESIVFIQDTNAGATITIPISLALSAEHSLDMNFTCIPRVPKEPIGLLCRTKKNSGDPWL
VANVEYNVFAEVSRALNKDGGDEVSDPTGFSPFPGSVNTLVFKLSSYVDRLRESHGIVPEFINPKYSDETRRSFKKPARI
ESLMQDIALLFSEDDYRVGGTVFERFSYQPVKNSLEEAAGLVAQGNGAYCAATGEAAFYELQRRRLKAIGLPLFYSSQPE
VTVAKDAFGVRLFPIIVLDTVCASSGSLDDLARVFPTPEKVHIDQHSTLIVEGRVIIESLELYGALTIRGPTDSMALPHV
VRNAVVRNAGWSVHAILSLCAGRDSRLSEVDRIRGFVLKKTAMAVMDC
;
_entity_poly.pdbx_strand_id   A
#
# COMPACT_ATOMS: atom_id res chain seq x y z
N ASN A 1 26.78 -19.68 -16.27
CA ASN A 1 27.58 -19.31 -15.05
C ASN A 1 27.77 -20.52 -14.14
N PRO A 2 26.70 -21.25 -13.73
CA PRO A 2 26.85 -22.37 -12.81
C PRO A 2 27.36 -23.61 -13.55
N SER A 3 28.62 -23.96 -13.31
CA SER A 3 29.22 -25.18 -13.88
C SER A 3 28.76 -26.39 -13.08
N ASN A 4 28.99 -27.59 -13.60
CA ASN A 4 28.60 -28.85 -12.91
C ASN A 4 29.43 -29.05 -11.65
N SER A 5 30.68 -28.60 -11.64
CA SER A 5 31.59 -28.71 -10.48
C SER A 5 30.99 -27.92 -9.30
N ASN A 6 30.61 -26.67 -9.54
CA ASN A 6 30.03 -25.78 -8.50
C ASN A 6 28.68 -26.33 -8.03
N LEU A 7 27.93 -26.97 -8.92
CA LEU A 7 26.61 -27.56 -8.55
C LEU A 7 26.83 -28.73 -7.62
N GLN A 8 27.84 -29.56 -7.87
CA GLN A 8 28.20 -30.71 -6.99
C GLN A 8 28.66 -30.15 -5.65
N ALA A 9 29.50 -29.11 -5.66
CA ALA A 9 30.01 -28.46 -4.44
C ALA A 9 28.85 -27.96 -3.59
N LEU A 10 27.87 -27.30 -4.20
CA LEU A 10 26.69 -26.78 -3.48
C LEU A 10 25.86 -27.93 -2.93
N ARG A 11 25.69 -28.99 -3.71
CA ARG A 11 24.94 -30.18 -3.24
C ARG A 11 25.60 -30.76 -1.98
N GLU A 12 26.91 -30.95 -2.03
CA GLU A 12 27.67 -31.49 -0.87
C GLU A 12 27.52 -30.54 0.32
N GLU A 13 27.62 -29.24 0.07
CA GLU A 13 27.53 -28.22 1.15
C GLU A 13 26.14 -28.30 1.80
N LEU A 14 25.08 -28.43 1.01
CA LEU A 14 23.70 -28.47 1.54
C LEU A 14 23.42 -29.80 2.24
N CYS A 15 24.25 -30.82 2.01
CA CYS A 15 24.05 -32.12 2.71
C CYS A 15 24.78 -32.14 4.05
N THR A 16 25.54 -31.09 4.38
CA THR A 16 26.39 -31.07 5.59
C THR A 16 25.52 -30.81 6.81
N PRO A 17 25.99 -31.20 8.01
CA PRO A 17 25.26 -30.91 9.24
C PRO A 17 25.07 -29.41 9.50
N GLY A 18 23.87 -29.06 9.95
CA GLY A 18 23.42 -27.66 10.03
C GLY A 18 22.55 -27.24 8.85
N LEU A 19 22.71 -27.87 7.68
CA LEU A 19 21.86 -27.58 6.49
C LEU A 19 20.92 -28.75 6.24
N ASP A 20 21.46 -29.97 6.20
CA ASP A 20 20.64 -31.21 6.16
C ASP A 20 19.54 -31.17 5.10
N GLN A 21 19.92 -30.96 3.84
CA GLN A 21 18.92 -30.97 2.75
C GLN A 21 19.09 -32.23 1.87
N GLY A 22 19.51 -33.35 2.44
CA GLY A 22 19.73 -34.58 1.67
C GLY A 22 18.43 -35.15 1.13
N HIS A 23 17.29 -34.87 1.75
CA HIS A 23 15.95 -35.33 1.27
C HIS A 23 15.65 -34.75 -0.12
N LEU A 24 16.33 -33.67 -0.51
CA LEU A 24 16.17 -33.08 -1.86
C LEU A 24 16.82 -33.98 -2.91
N PHE A 25 17.69 -34.92 -2.52
CA PHE A 25 18.52 -35.69 -3.48
C PHE A 25 18.33 -37.19 -3.30
N GLU A 26 17.15 -37.62 -2.88
CA GLU A 26 16.92 -39.05 -2.60
C GLU A 26 16.97 -39.87 -3.88
N GLY A 27 17.86 -40.85 -3.95
CA GLY A 27 17.96 -41.77 -5.09
C GLY A 27 18.71 -41.16 -6.25
N TRP A 28 19.38 -40.04 -6.05
CA TRP A 28 20.09 -39.38 -7.15
C TRP A 28 21.45 -40.04 -7.37
N PRO A 29 22.04 -40.01 -8.58
CA PRO A 29 23.39 -40.51 -8.81
C PRO A 29 24.44 -39.69 -8.07
N GLU A 30 25.58 -40.32 -7.82
CA GLU A 30 26.65 -39.72 -7.00
C GLU A 30 27.18 -38.46 -7.68
N THR A 31 27.37 -38.50 -9.00
CA THR A 31 28.03 -37.38 -9.72
C THR A 31 26.97 -36.56 -10.43
N VAL A 32 27.30 -35.28 -10.64
CA VAL A 32 26.42 -34.32 -11.35
C VAL A 32 26.39 -34.66 -12.85
N ASP A 33 27.53 -35.06 -13.41
CA ASP A 33 27.61 -35.38 -14.86
C ASP A 33 26.70 -36.58 -15.18
N GLU A 34 26.35 -37.38 -14.18
CA GLU A 34 25.48 -38.58 -14.38
C GLU A 34 24.02 -38.25 -14.08
N CYS A 35 23.70 -36.99 -13.77
CA CYS A 35 22.32 -36.61 -13.39
C CYS A 35 21.61 -36.00 -14.60
N ASN A 36 20.28 -36.08 -14.57
CA ASN A 36 19.40 -35.74 -15.72
C ASN A 36 18.95 -34.28 -15.64
N GLU A 37 18.03 -33.86 -16.51
CA GLU A 37 17.64 -32.41 -16.61
C GLU A 37 16.90 -31.88 -15.38
N ARG A 38 15.87 -32.59 -14.90
CA ARG A 38 15.07 -32.06 -13.75
C ARG A 38 15.98 -31.84 -12.54
N GLN A 39 16.95 -32.74 -12.34
CA GLN A 39 17.90 -32.64 -11.20
C GLN A 39 18.82 -31.43 -11.44
N ILE A 40 19.41 -31.33 -12.63
CA ILE A 40 20.25 -30.16 -12.99
C ILE A 40 19.46 -28.88 -12.78
N ALA A 41 18.17 -28.87 -13.14
CA ALA A 41 17.33 -27.66 -13.02
C ALA A 41 17.16 -27.30 -11.54
N LEU A 42 16.91 -28.29 -10.68
CA LEU A 42 16.74 -28.06 -9.22
C LEU A 42 18.05 -27.56 -8.59
N LEU A 43 19.18 -28.16 -8.94
CA LEU A 43 20.48 -27.66 -8.44
C LEU A 43 20.71 -26.24 -8.95
N THR A 44 20.34 -25.95 -10.19
CA THR A 44 20.56 -24.60 -10.77
C THR A 44 19.70 -23.59 -10.03
N ASP A 45 18.46 -23.96 -9.73
CA ASP A 45 17.55 -23.11 -8.93
C ASP A 45 18.18 -22.80 -7.58
N LEU A 46 18.80 -23.81 -6.95
CA LEU A 46 19.46 -23.63 -5.63
C LEU A 46 20.65 -22.70 -5.82
N TYR A 47 21.44 -22.92 -6.87
CA TYR A 47 22.70 -22.18 -7.06
C TYR A 47 22.40 -20.70 -7.32
N MET A 48 21.45 -20.41 -8.21
CA MET A 48 21.21 -19.01 -8.65
C MET A 48 20.26 -18.30 -7.70
N PHE A 49 19.77 -18.97 -6.66
CA PHE A 49 19.04 -18.27 -5.58
C PHE A 49 19.97 -17.22 -4.95
N SER A 50 21.27 -17.44 -5.07
CA SER A 50 22.26 -16.51 -4.46
C SER A 50 22.21 -15.14 -5.14
N ASN A 51 21.72 -15.09 -6.37
CA ASN A 51 21.65 -13.83 -7.15
C ASN A 51 20.65 -12.88 -6.51
N MET A 52 19.57 -13.40 -5.90
CA MET A 52 18.47 -12.57 -5.35
C MET A 52 18.46 -12.59 -3.82
N TYR A 53 19.30 -13.38 -3.16
CA TYR A 53 19.33 -13.44 -1.67
C TYR A 53 20.76 -13.39 -1.15
N PRO A 54 21.02 -12.60 -0.09
CA PRO A 54 22.39 -12.45 0.41
C PRO A 54 22.87 -13.77 1.04
N GLY A 55 23.92 -14.35 0.44
CA GLY A 55 24.50 -15.60 0.91
C GLY A 55 23.89 -16.83 0.29
N GLY A 56 22.84 -16.69 -0.51
CA GLY A 56 22.26 -17.85 -1.21
C GLY A 56 21.42 -18.73 -0.29
N VAL A 57 21.16 -19.95 -0.75
CA VAL A 57 20.22 -20.88 -0.10
C VAL A 57 20.77 -21.33 1.25
N ALA A 58 22.08 -21.52 1.37
CA ALA A 58 22.71 -21.93 2.64
C ALA A 58 22.48 -20.85 3.70
N GLN A 59 22.73 -19.58 3.35
CA GLN A 59 22.51 -18.46 4.29
C GLN A 59 21.02 -18.28 4.58
N TYR A 60 20.17 -18.61 3.60
CA TYR A 60 18.70 -18.58 3.80
C TYR A 60 18.29 -19.62 4.85
N ILE A 61 18.90 -20.79 4.78
CA ILE A 61 18.60 -21.90 5.76
C ILE A 61 19.10 -21.51 7.15
N ARG A 62 20.30 -20.95 7.24
CA ARG A 62 20.80 -20.53 8.57
C ARG A 62 19.88 -19.46 9.14
N ASN A 63 19.50 -18.47 8.35
CA ASN A 63 18.59 -17.40 8.80
C ASN A 63 17.28 -18.03 9.25
N GLY A 64 16.81 -19.05 8.53
CA GLY A 64 15.55 -19.72 8.89
C GLY A 64 15.66 -20.35 10.25
N HIS A 65 16.79 -21.01 10.50
CA HIS A 65 17.04 -21.68 11.81
C HIS A 65 17.02 -20.61 12.89
N GLU A 66 17.68 -19.49 12.66
CA GLU A 66 17.74 -18.41 13.66
C GLU A 66 16.33 -17.87 13.93
N LEU A 67 15.53 -17.71 12.88
CA LEU A 67 14.19 -17.10 12.99
C LEU A 67 13.21 -18.07 13.63
N LEU A 68 13.27 -19.36 13.28
CA LEU A 68 12.34 -20.34 13.92
C LEU A 68 12.73 -20.50 15.39
N ALA A 69 14.02 -20.41 15.73
CA ALA A 69 14.45 -20.38 17.15
C ALA A 69 13.77 -19.17 17.81
N ARG A 70 13.88 -17.99 17.20
CA ARG A 70 13.35 -16.74 17.81
C ARG A 70 11.83 -16.80 17.94
N GLU A 71 11.17 -17.41 16.95
CA GLU A 71 9.68 -17.46 16.89
C GLU A 71 9.14 -18.42 17.94
N SER A 72 9.92 -19.44 18.33
CA SER A 72 9.47 -20.42 19.36
C SER A 72 9.40 -19.76 20.75
N GLU A 73 10.12 -18.65 20.93
CA GLU A 73 10.18 -17.93 22.22
C GLU A 73 9.05 -16.91 22.28
N GLU A 74 8.67 -16.52 23.50
CA GLU A 74 7.66 -15.48 23.72
C GLU A 74 8.34 -14.12 23.63
N VAL A 75 7.83 -13.25 22.79
CA VAL A 75 8.49 -11.96 22.51
C VAL A 75 8.37 -11.09 23.75
N ASP A 76 9.44 -10.37 24.07
CA ASP A 76 9.47 -9.44 25.22
C ASP A 76 10.24 -8.18 24.81
N PHE A 77 9.72 -7.04 25.24
CA PHE A 77 10.40 -5.74 25.09
C PHE A 77 10.83 -5.28 26.47
N ALA A 78 12.07 -4.84 26.59
CA ALA A 78 12.59 -4.28 27.86
C ALA A 78 11.79 -3.01 28.21
N ALA A 79 11.52 -2.16 27.22
CA ALA A 79 10.77 -0.90 27.40
C ALA A 79 9.91 -0.61 26.17
N LEU A 80 8.71 -0.11 26.43
CA LEU A 80 7.71 0.13 25.36
C LEU A 80 6.85 1.34 25.76
N GLU A 81 7.08 2.46 25.10
CA GLU A 81 6.50 3.77 25.50
C GLU A 81 5.97 4.48 24.27
N MET A 82 5.33 5.62 24.52
CA MET A 82 4.87 6.56 23.48
C MET A 82 6.10 7.13 22.78
N PRO A 83 6.08 7.23 21.44
CA PRO A 83 7.16 7.91 20.72
C PRO A 83 7.24 9.36 21.16
N PRO A 84 8.45 9.91 21.34
CA PRO A 84 8.60 11.31 21.71
C PRO A 84 7.99 12.27 20.67
N LEU A 85 8.15 11.95 19.38
CA LEU A 85 7.78 12.89 18.29
C LEU A 85 6.49 12.44 17.64
N ILE A 86 5.38 12.81 18.26
CA ILE A 86 4.01 12.56 17.75
C ILE A 86 3.38 13.91 17.52
N PHE A 87 2.75 14.07 16.35
CA PHE A 87 2.13 15.34 15.93
C PHE A 87 0.74 15.09 15.38
N GLU A 88 -0.22 15.87 15.84
CA GLU A 88 -1.63 15.67 15.50
C GLU A 88 -1.95 16.46 14.23
N ALA A 89 -2.40 15.79 13.19
CA ALA A 89 -2.76 16.46 11.92
C ALA A 89 -4.12 17.10 12.03
N PRO A 90 -4.31 18.29 11.45
CA PRO A 90 -5.61 18.94 11.48
C PRO A 90 -6.61 18.23 10.56
N SER A 91 -7.87 18.50 10.81
CA SER A 91 -8.98 17.86 10.07
C SER A 91 -8.90 18.18 8.58
N LEU A 92 -9.20 17.18 7.76
CA LEU A 92 -9.21 17.33 6.28
C LEU A 92 -10.51 17.99 5.81
N HIS A 93 -11.52 18.13 6.65
CA HIS A 93 -12.80 18.78 6.23
C HIS A 93 -13.01 20.16 6.87
N ARG A 94 -11.98 20.69 7.54
CA ARG A 94 -12.01 22.06 8.10
C ARG A 94 -10.93 22.90 7.42
N ARG A 95 -11.35 23.98 6.79
CA ARG A 95 -10.41 24.87 6.07
C ARG A 95 -9.83 25.88 7.03
N THR A 96 -9.03 25.40 7.96
CA THR A 96 -8.36 26.29 8.95
C THR A 96 -7.06 26.83 8.36
N ALA A 97 -6.56 27.90 8.95
CA ALA A 97 -5.31 28.55 8.51
C ALA A 97 -4.18 27.53 8.58
N GLU A 98 -4.11 26.75 9.65
CA GLU A 98 -3.04 25.73 9.80
C GLU A 98 -3.20 24.72 8.66
N ARG A 99 -4.41 24.27 8.40
CA ARG A 99 -4.65 23.27 7.33
C ARG A 99 -4.24 23.85 5.97
N THR A 100 -4.61 25.10 5.72
CA THR A 100 -4.25 25.77 4.45
C THR A 100 -2.73 25.83 4.31
N ALA A 101 -2.02 26.24 5.37
CA ALA A 101 -0.56 26.45 5.34
C ALA A 101 0.17 25.13 5.15
N LEU A 102 -0.33 24.08 5.80
CA LEU A 102 0.27 22.72 5.68
C LEU A 102 0.00 22.14 4.28
N GLU A 103 -1.24 22.26 3.79
CA GLU A 103 -1.55 21.76 2.42
C GLU A 103 -0.68 22.49 1.38
N ASN A 104 -0.55 23.80 1.47
CA ASN A 104 0.24 24.57 0.46
C ASN A 104 1.73 24.24 0.54
N ALA A 105 2.28 24.14 1.75
CA ALA A 105 3.67 23.70 1.94
C ALA A 105 3.87 22.30 1.38
N GLY A 106 2.97 21.37 1.71
CA GLY A 106 3.08 19.98 1.24
C GLY A 106 2.99 19.90 -0.26
N THR A 107 2.07 20.65 -0.85
CA THR A 107 1.90 20.68 -2.32
C THR A 107 3.18 21.21 -2.97
N ALA A 108 3.82 22.22 -2.38
CA ALA A 108 5.11 22.73 -2.88
C ALA A 108 6.17 21.62 -2.82
N MET A 109 6.22 20.86 -1.72
CA MET A 109 7.24 19.80 -1.58
C MET A 109 6.93 18.58 -2.47
N LEU A 110 5.68 18.39 -2.87
CA LEU A 110 5.32 17.28 -3.79
C LEU A 110 6.03 17.45 -5.14
N CYS A 111 6.44 18.66 -5.49
CA CYS A 111 7.23 18.87 -6.73
C CYS A 111 8.65 18.26 -6.60
N LYS A 112 9.06 17.91 -5.38
CA LYS A 112 10.41 17.34 -5.15
C LYS A 112 10.30 16.00 -4.43
N THR A 113 9.29 15.20 -4.78
CA THR A 113 9.03 13.93 -4.09
C THR A 113 9.10 12.76 -5.06
N VAL A 114 9.78 11.71 -4.62
CA VAL A 114 9.77 10.38 -5.29
C VAL A 114 8.65 9.56 -4.66
N PHE A 115 7.94 8.82 -5.50
CA PHE A 115 6.79 7.99 -5.07
C PHE A 115 7.14 6.53 -5.33
N VAL A 116 6.83 5.70 -4.33
CA VAL A 116 7.02 4.22 -4.40
C VAL A 116 5.71 3.54 -4.00
N LEU A 117 5.28 2.61 -4.83
CA LEU A 117 4.01 1.86 -4.62
C LEU A 117 4.35 0.37 -4.51
N VAL A 118 3.98 -0.23 -3.39
CA VAL A 118 4.16 -1.69 -3.18
C VAL A 118 2.90 -2.40 -3.69
N ALA A 119 3.04 -3.12 -4.79
CA ALA A 119 1.92 -3.81 -5.48
C ALA A 119 2.38 -5.21 -5.90
N GLY A 120 2.96 -5.93 -4.95
CA GLY A 120 3.38 -7.33 -5.18
C GLY A 120 2.39 -8.32 -4.62
N GLY A 121 1.37 -7.86 -3.89
CA GLY A 121 0.50 -8.74 -3.11
C GLY A 121 -0.70 -9.21 -3.88
N LEU A 122 -1.17 -10.43 -3.59
CA LEU A 122 -2.43 -10.99 -4.15
C LEU A 122 -3.64 -10.45 -3.38
N GLY A 123 -4.79 -10.43 -4.06
CA GLY A 123 -6.07 -10.07 -3.45
C GLY A 123 -7.11 -11.17 -3.60
N GLU A 124 -6.69 -12.44 -3.46
CA GLU A 124 -7.63 -13.58 -3.56
C GLU A 124 -8.51 -13.62 -2.30
N ARG A 125 -8.00 -13.11 -1.18
CA ARG A 125 -8.81 -12.97 0.06
C ARG A 125 -10.09 -12.17 -0.17
N LEU A 126 -10.10 -11.25 -1.13
CA LEU A 126 -11.28 -10.41 -1.43
C LEU A 126 -12.33 -11.23 -2.18
N GLY A 127 -11.90 -12.26 -2.90
CA GLY A 127 -12.75 -12.87 -3.95
C GLY A 127 -12.49 -12.22 -5.29
N TYR A 128 -11.32 -11.60 -5.43
CA TYR A 128 -10.92 -10.91 -6.68
C TYR A 128 -9.74 -11.67 -7.29
N SER A 129 -9.91 -12.14 -8.50
CA SER A 129 -8.92 -13.04 -9.13
C SER A 129 -7.82 -12.24 -9.82
N SER A 130 -7.98 -10.93 -9.94
CA SER A 130 -6.99 -10.07 -10.64
C SER A 130 -6.17 -9.27 -9.62
N ILE A 131 -5.27 -8.44 -10.11
CA ILE A 131 -4.34 -7.66 -9.25
C ILE A 131 -5.10 -6.54 -8.56
N LYS A 132 -4.65 -6.16 -7.38
CA LYS A 132 -5.37 -5.22 -6.51
C LYS A 132 -5.38 -3.82 -7.09
N VAL A 133 -4.31 -3.42 -7.80
CA VAL A 133 -4.24 -2.06 -8.38
C VAL A 133 -5.18 -1.97 -9.58
N SER A 134 -5.72 -3.08 -10.03
CA SER A 134 -6.72 -3.07 -11.13
C SER A 134 -8.11 -2.80 -10.56
N LEU A 135 -8.27 -2.91 -9.24
CA LEU A 135 -9.58 -2.59 -8.61
C LEU A 135 -9.90 -1.13 -8.88
N PRO A 136 -11.19 -0.82 -9.16
CA PRO A 136 -11.60 0.56 -9.26
C PRO A 136 -11.64 1.19 -7.86
N VAL A 137 -11.18 2.43 -7.77
CA VAL A 137 -11.38 3.26 -6.56
C VAL A 137 -12.87 3.50 -6.38
N GLU A 138 -13.59 3.76 -7.47
CA GLU A 138 -15.06 3.90 -7.46
C GLU A 138 -15.56 3.41 -8.81
N THR A 139 -16.81 2.99 -8.84
CA THR A 139 -17.44 2.43 -10.07
C THR A 139 -18.19 3.48 -10.86
N ALA A 140 -18.26 4.72 -10.41
CA ALA A 140 -18.85 5.82 -11.20
C ALA A 140 -17.98 6.06 -12.46
N THR A 141 -16.66 6.14 -12.31
CA THR A 141 -15.74 6.33 -13.47
C THR A 141 -14.90 5.09 -13.73
N ASN A 142 -14.92 4.13 -12.81
CA ASN A 142 -14.09 2.91 -12.86
C ASN A 142 -12.58 3.19 -12.96
N THR A 143 -12.13 4.28 -12.38
CA THR A 143 -10.68 4.60 -12.31
C THR A 143 -9.97 3.60 -11.39
N THR A 144 -8.98 2.93 -11.93
CA THR A 144 -8.17 1.95 -11.18
C THR A 144 -7.30 2.66 -10.15
N TYR A 145 -6.86 1.91 -9.16
CA TYR A 145 -5.91 2.44 -8.15
C TYR A 145 -4.60 2.81 -8.85
N LEU A 146 -4.13 1.98 -9.77
CA LEU A 146 -2.90 2.27 -10.51
C LEU A 146 -3.00 3.62 -11.19
N ALA A 147 -4.07 3.84 -11.94
CA ALA A 147 -4.27 5.09 -12.68
C ALA A 147 -4.40 6.25 -11.69
N TYR A 148 -5.15 6.05 -10.63
CA TYR A 148 -5.38 7.07 -9.60
C TYR A 148 -4.04 7.55 -9.04
N TYR A 149 -3.20 6.64 -8.60
CA TYR A 149 -1.89 7.01 -8.01
C TYR A 149 -0.98 7.65 -9.05
N LEU A 150 -0.89 7.08 -10.25
CA LEU A 150 0.02 7.58 -11.30
C LEU A 150 -0.41 8.96 -11.78
N ARG A 151 -1.70 9.16 -11.99
CA ARG A 151 -2.18 10.47 -12.49
C ARG A 151 -2.01 11.52 -11.40
N TRP A 152 -2.22 11.17 -10.14
CA TRP A 152 -2.06 12.17 -9.07
C TRP A 152 -0.58 12.56 -8.96
N ALA A 153 0.31 11.59 -8.99
CA ALA A 153 1.78 11.84 -8.94
C ALA A 153 2.21 12.69 -10.14
N GLN A 154 1.71 12.39 -11.34
CA GLN A 154 2.10 13.16 -12.53
C GLN A 154 1.49 14.55 -12.45
N ARG A 155 0.37 14.70 -11.78
CA ARG A 155 -0.21 16.04 -11.61
C ARG A 155 0.64 16.88 -10.64
N VAL A 156 1.03 16.32 -9.50
CA VAL A 156 1.73 17.11 -8.46
C VAL A 156 3.22 17.24 -8.73
N GLY A 157 3.82 16.34 -9.50
CA GLY A 157 5.28 16.32 -9.74
C GLY A 157 5.66 16.39 -11.23
N GLY A 158 4.70 16.70 -12.09
CA GLY A 158 4.94 16.85 -13.53
C GLY A 158 4.94 15.50 -14.21
N LYS A 159 4.98 15.52 -15.53
CA LYS A 159 4.92 14.29 -16.32
C LYS A 159 6.10 13.37 -16.01
N GLU A 160 7.27 13.95 -15.70
CA GLU A 160 8.54 13.21 -15.50
C GLU A 160 8.76 12.91 -14.01
N VAL A 161 7.70 12.76 -13.23
CA VAL A 161 7.80 12.45 -11.79
C VAL A 161 8.45 11.08 -11.61
N PRO A 162 9.40 10.93 -10.68
CA PRO A 162 9.95 9.62 -10.39
C PRO A 162 8.94 8.75 -9.64
N PHE A 163 8.69 7.58 -10.19
CA PHE A 163 7.68 6.63 -9.69
C PHE A 163 8.27 5.24 -9.75
N VAL A 164 8.13 4.52 -8.64
CA VAL A 164 8.59 3.11 -8.53
C VAL A 164 7.38 2.25 -8.19
N ILE A 165 7.25 1.14 -8.86
CA ILE A 165 6.23 0.13 -8.52
C ILE A 165 6.95 -1.18 -8.28
N MET A 166 6.78 -1.75 -7.10
CA MET A 166 7.24 -3.11 -6.80
C MET A 166 6.16 -4.11 -7.22
N THR A 167 6.56 -5.07 -8.03
CA THR A 167 5.68 -6.16 -8.48
C THR A 167 6.23 -7.49 -7.98
N SER A 168 5.55 -8.55 -8.33
CA SER A 168 5.93 -9.94 -7.97
C SER A 168 5.65 -10.83 -9.16
N ASP A 169 5.96 -12.12 -9.03
CA ASP A 169 5.66 -13.09 -10.10
C ASP A 169 4.15 -13.18 -10.29
N ASP A 170 3.38 -12.76 -9.30
CA ASP A 170 1.90 -12.85 -9.38
C ASP A 170 1.31 -11.59 -10.00
N THR A 171 2.01 -10.46 -10.00
CA THR A 171 1.39 -9.18 -10.43
C THR A 171 2.11 -8.50 -11.57
N HIS A 172 3.33 -8.90 -11.89
CA HIS A 172 4.22 -8.16 -12.83
C HIS A 172 3.54 -8.05 -14.20
N ASP A 173 3.32 -9.18 -14.85
CA ASP A 173 2.80 -9.14 -16.24
C ASP A 173 1.51 -8.32 -16.32
N ARG A 174 0.59 -8.56 -15.39
CA ARG A 174 -0.73 -7.89 -15.44
C ARG A 174 -0.58 -6.39 -15.16
N THR A 175 0.36 -6.01 -14.31
CA THR A 175 0.60 -4.57 -14.05
C THR A 175 1.02 -3.89 -15.36
N LEU A 176 1.91 -4.52 -16.10
CA LEU A 176 2.43 -3.92 -17.35
C LEU A 176 1.31 -3.91 -18.37
N GLN A 177 0.51 -4.96 -18.39
CA GLN A 177 -0.64 -5.01 -19.31
C GLN A 177 -1.56 -3.83 -19.02
N LEU A 178 -1.82 -3.55 -17.75
CA LEU A 178 -2.75 -2.47 -17.35
C LEU A 178 -2.14 -1.13 -17.74
N LEU A 179 -0.83 -0.96 -17.53
CA LEU A 179 -0.19 0.31 -17.95
C LEU A 179 -0.45 0.48 -19.45
N ARG A 180 -0.25 -0.55 -20.24
CA ARG A 180 -0.45 -0.45 -21.70
C ARG A 180 -1.91 -0.11 -22.00
N GLU A 181 -2.85 -0.85 -21.41
CA GLU A 181 -4.31 -0.67 -21.70
C GLU A 181 -4.79 0.72 -21.28
N LEU A 182 -4.14 1.34 -20.30
CA LEU A 182 -4.65 2.65 -19.84
C LEU A 182 -3.90 3.69 -20.65
N GLN A 183 -2.95 3.19 -21.44
CA GLN A 183 -2.16 4.14 -22.28
C GLN A 183 -1.57 5.21 -21.37
N LEU A 184 -1.01 4.77 -20.25
CA LEU A 184 -0.33 5.67 -19.30
C LEU A 184 1.15 5.76 -19.72
N GLU A 185 1.59 6.98 -20.01
CA GLU A 185 2.98 7.23 -20.45
C GLU A 185 3.71 7.96 -19.31
N VAL A 186 4.52 7.21 -18.56
CA VAL A 186 5.27 7.74 -17.40
C VAL A 186 6.75 7.56 -17.67
N PRO A 187 7.44 8.62 -18.16
CA PRO A 187 8.83 8.47 -18.60
C PRO A 187 9.80 7.94 -17.53
N ASN A 188 9.64 8.36 -16.27
CA ASN A 188 10.55 7.95 -15.18
C ASN A 188 9.87 6.93 -14.26
N LEU A 189 9.01 6.07 -14.81
CA LEU A 189 8.47 4.94 -14.05
C LEU A 189 9.49 3.80 -14.07
N HIS A 190 9.75 3.21 -12.91
CA HIS A 190 10.55 1.97 -12.80
C HIS A 190 9.73 0.88 -12.12
N VAL A 191 9.55 -0.23 -12.82
CA VAL A 191 8.81 -1.40 -12.31
C VAL A 191 9.87 -2.41 -11.92
N LEU A 192 9.95 -2.70 -10.61
CA LEU A 192 10.95 -3.65 -10.06
C LEU A 192 10.25 -4.88 -9.49
N LYS A 193 10.56 -6.05 -10.06
CA LYS A 193 9.91 -7.30 -9.63
C LYS A 193 10.70 -7.96 -8.50
N GLN A 194 10.02 -8.24 -7.41
CA GLN A 194 10.62 -8.95 -6.26
C GLN A 194 10.59 -10.44 -6.53
N GLY A 195 11.63 -11.12 -6.05
CA GLY A 195 11.79 -12.57 -6.26
C GLY A 195 11.16 -13.31 -5.10
N GLN A 196 10.48 -14.40 -5.39
CA GLN A 196 9.95 -15.29 -4.33
C GLN A 196 11.12 -16.03 -3.68
N VAL A 197 10.90 -16.50 -2.46
CA VAL A 197 11.94 -17.22 -1.66
C VAL A 197 11.44 -18.62 -1.37
N PHE A 198 12.39 -19.51 -1.12
CA PHE A 198 12.12 -20.93 -0.78
C PHE A 198 11.33 -21.02 0.51
N CYS A 199 10.76 -22.19 0.73
CA CYS A 199 9.85 -22.44 1.87
C CYS A 199 10.39 -23.60 2.70
N PHE A 200 9.97 -23.63 3.96
CA PHE A 200 10.38 -24.64 4.96
C PHE A 200 9.23 -25.59 5.25
N ALA A 201 9.41 -26.87 4.94
CA ALA A 201 8.37 -27.89 5.16
C ALA A 201 8.20 -28.15 6.65
N ASP A 202 9.25 -27.94 7.45
CA ASP A 202 9.20 -28.28 8.90
C ASP A 202 10.02 -27.26 9.70
N SER A 203 9.97 -27.41 11.01
CA SER A 203 10.64 -26.50 11.96
C SER A 203 12.17 -26.65 11.91
N ALA A 204 12.69 -27.64 11.19
CA ALA A 204 14.15 -27.85 11.03
C ALA A 204 14.66 -27.18 9.75
N ALA A 205 13.83 -26.36 9.10
CA ALA A 205 14.20 -25.56 7.91
C ALA A 205 14.54 -26.49 6.74
N HIS A 206 13.80 -27.58 6.61
CA HIS A 206 13.90 -28.50 5.45
C HIS A 206 13.12 -27.89 4.28
N LEU A 207 13.81 -27.62 3.17
CA LEU A 207 13.20 -26.92 2.02
C LEU A 207 12.03 -27.74 1.48
N ALA A 208 10.90 -27.08 1.26
CA ALA A 208 9.67 -27.74 0.78
C ALA A 208 9.68 -27.91 -0.74
N LEU A 209 9.06 -29.00 -1.20
CA LEU A 209 8.85 -29.25 -2.64
C LEU A 209 7.35 -29.18 -2.95
N ASP A 210 7.03 -28.80 -4.17
CA ASP A 210 5.61 -28.70 -4.61
C ASP A 210 5.19 -30.08 -5.15
N GLU A 211 4.03 -30.11 -5.79
CA GLU A 211 3.39 -31.38 -6.24
C GLU A 211 4.25 -32.01 -7.34
N THR A 212 5.06 -31.21 -8.05
CA THR A 212 5.85 -31.71 -9.21
C THR A 212 7.33 -31.89 -8.83
N GLY A 213 7.64 -31.96 -7.54
CA GLY A 213 9.04 -32.18 -7.10
C GLY A 213 9.91 -30.96 -7.35
N LYS A 214 9.32 -29.77 -7.40
CA LYS A 214 10.07 -28.51 -7.58
C LYS A 214 10.03 -27.72 -6.27
N LEU A 215 11.02 -26.87 -6.08
CA LEU A 215 11.14 -26.08 -4.83
C LEU A 215 10.00 -25.08 -4.74
N LEU A 216 9.20 -25.20 -3.69
CA LEU A 216 8.07 -24.27 -3.47
C LEU A 216 8.62 -22.88 -3.20
N ARG A 217 7.93 -21.87 -3.70
CA ARG A 217 8.34 -20.47 -3.52
C ARG A 217 7.14 -19.66 -3.03
N LYS A 218 7.45 -18.64 -2.24
CA LYS A 218 6.43 -17.77 -1.61
C LYS A 218 7.01 -16.38 -1.43
N PRO A 219 6.15 -15.35 -1.30
CA PRO A 219 6.63 -13.98 -1.23
C PRO A 219 7.48 -13.74 0.03
N HIS A 220 8.47 -12.87 -0.13
CA HIS A 220 9.39 -12.46 0.97
C HIS A 220 8.85 -11.22 1.69
N GLY A 221 7.73 -10.66 1.26
CA GLY A 221 7.13 -9.49 1.95
C GLY A 221 7.48 -8.17 1.26
N HIS A 222 6.83 -7.13 1.70
CA HIS A 222 6.96 -5.79 1.08
C HIS A 222 8.26 -5.11 1.55
N GLY A 223 9.06 -5.75 2.42
CA GLY A 223 10.38 -5.21 2.81
C GLY A 223 11.41 -5.31 1.70
N ASP A 224 11.07 -5.96 0.58
CA ASP A 224 11.97 -6.15 -0.59
C ASP A 224 12.22 -4.86 -1.38
N VAL A 225 11.42 -3.80 -1.17
CA VAL A 225 11.54 -2.55 -1.99
C VAL A 225 12.94 -1.98 -1.86
N HIS A 226 13.45 -1.90 -0.64
CA HIS A 226 14.72 -1.15 -0.35
C HIS A 226 15.86 -1.78 -1.12
N SER A 227 16.03 -3.10 -1.01
CA SER A 227 17.08 -3.83 -1.75
C SER A 227 16.85 -3.64 -3.24
N LEU A 228 15.60 -3.76 -3.67
CA LEU A 228 15.24 -3.57 -5.10
C LEU A 228 15.62 -2.15 -5.53
N ILE A 229 15.40 -1.17 -4.67
CA ILE A 229 15.80 0.24 -4.95
C ILE A 229 17.34 0.34 -4.94
N TYR A 230 18.00 -0.35 -4.02
CA TYR A 230 19.47 -0.23 -3.83
C TYR A 230 20.19 -0.72 -5.09
N ASN A 231 19.70 -1.79 -5.71
CA ASN A 231 20.35 -2.43 -6.88
C ASN A 231 19.79 -1.88 -8.20
N ALA A 232 18.89 -0.91 -8.15
CA ALA A 232 18.24 -0.38 -9.37
C ALA A 232 19.18 0.61 -10.04
N THR A 233 19.31 0.50 -11.36
CA THR A 233 20.14 1.42 -12.15
C THR A 233 19.31 2.05 -13.25
N VAL A 234 19.82 3.17 -13.77
CA VAL A 234 19.11 3.92 -14.86
C VAL A 234 20.11 4.30 -15.95
N LYS A 235 19.70 4.31 -17.22
CA LYS A 235 20.56 4.81 -18.33
C LYS A 235 19.64 5.48 -19.36
N ARG A 236 19.99 6.68 -19.81
CA ARG A 236 19.13 7.44 -20.76
C ARG A 236 19.67 7.71 -22.16
N ASP A 237 20.37 8.83 -22.34
CA ASP A 237 21.06 9.12 -23.62
C ASP A 237 21.75 10.48 -23.42
N VAL A 238 22.86 10.72 -24.11
CA VAL A 238 23.64 11.98 -23.93
C VAL A 238 23.60 12.37 -22.44
N VAL A 239 23.77 11.40 -21.54
CA VAL A 239 23.88 11.72 -20.09
C VAL A 239 25.16 11.10 -19.55
N PRO A 240 25.77 11.73 -18.52
CA PRO A 240 26.94 11.15 -17.87
C PRO A 240 26.57 9.95 -16.97
N ASP A 241 26.42 8.78 -17.58
CA ASP A 241 26.12 7.50 -16.87
C ASP A 241 27.29 6.53 -17.08
N SER A 242 28.31 6.67 -16.24
CA SER A 242 29.50 5.78 -16.28
C SER A 242 29.10 4.39 -15.80
N GLY A 243 29.43 3.37 -16.56
CA GLY A 243 29.17 2.03 -16.03
C GLY A 243 30.18 1.69 -14.95
N ASP A 244 29.77 1.73 -13.68
CA ASP A 244 30.69 1.29 -12.60
C ASP A 244 30.57 -0.24 -12.49
N GLY A 245 31.59 -0.88 -11.94
CA GLY A 245 31.57 -2.35 -11.81
C GLY A 245 30.44 -2.80 -10.92
N THR A 246 29.93 -1.93 -10.06
CA THR A 246 28.73 -2.31 -9.26
C THR A 246 27.65 -2.73 -10.24
N ALA A 247 27.24 -1.83 -11.15
CA ALA A 247 26.25 -2.16 -12.19
C ALA A 247 26.23 -1.04 -13.24
N THR A 248 25.66 -1.32 -14.41
CA THR A 248 25.59 -0.29 -15.48
C THR A 248 24.18 0.31 -15.51
N ALA A 249 24.09 1.62 -15.27
CA ALA A 249 25.30 2.48 -15.23
C ALA A 249 25.33 3.25 -13.91
N GLN A 250 24.28 4.03 -13.63
CA GLN A 250 24.23 4.87 -12.40
C GLN A 250 23.14 4.36 -11.47
N PRO A 251 23.41 4.31 -10.14
CA PRO A 251 22.37 4.02 -9.16
C PRO A 251 21.21 5.00 -9.25
N LEU A 252 20.00 4.47 -9.11
CA LEU A 252 18.75 5.23 -9.33
C LEU A 252 18.57 6.32 -8.28
N VAL A 253 18.95 6.04 -7.04
CA VAL A 253 18.87 7.06 -5.95
C VAL A 253 19.86 8.19 -6.22
N ASN A 254 20.95 7.88 -6.91
CA ASN A 254 21.95 8.92 -7.31
C ASN A 254 21.27 9.86 -8.30
N ASP A 255 20.55 9.30 -9.26
CA ASP A 255 19.84 10.11 -10.29
C ASP A 255 18.80 10.97 -9.60
N TRP A 256 18.08 10.40 -8.64
CA TRP A 256 17.07 11.18 -7.86
C TRP A 256 17.78 12.36 -7.17
N LEU A 257 18.81 12.09 -6.38
CA LEU A 257 19.46 13.16 -5.60
C LEU A 257 20.07 14.21 -6.55
N ALA A 258 20.68 13.75 -7.64
CA ALA A 258 21.25 14.69 -8.63
C ALA A 258 20.16 15.58 -9.21
N ALA A 259 18.95 15.05 -9.42
CA ALA A 259 17.83 15.78 -10.07
C ALA A 259 17.25 16.82 -9.12
N GLY A 260 17.61 16.81 -7.85
CA GLY A 260 17.13 17.83 -6.88
C GLY A 260 15.99 17.33 -6.00
N TYR A 261 15.66 16.04 -6.03
CA TYR A 261 14.55 15.50 -5.21
C TYR A 261 14.98 15.44 -3.75
N GLU A 262 14.04 15.66 -2.84
CA GLU A 262 14.34 15.83 -1.40
C GLU A 262 13.51 14.91 -0.50
N SER A 263 12.47 14.26 -1.01
CA SER A 263 11.62 13.37 -0.19
C SER A 263 11.29 12.11 -0.97
N ILE A 264 10.98 11.04 -0.27
CA ILE A 264 10.48 9.79 -0.91
C ILE A 264 9.34 9.26 -0.06
N VAL A 265 8.26 8.84 -0.73
CA VAL A 265 7.02 8.41 -0.06
C VAL A 265 6.67 6.99 -0.53
N PHE A 266 6.35 6.13 0.41
CA PHE A 266 5.99 4.72 0.16
C PHE A 266 4.50 4.57 0.46
N ILE A 267 3.77 3.98 -0.47
CA ILE A 267 2.31 3.78 -0.35
C ILE A 267 1.97 2.34 -0.73
N GLN A 268 0.79 1.93 -0.34
CA GLN A 268 0.27 0.57 -0.56
C GLN A 268 -0.82 0.63 -1.62
N ASP A 269 -1.31 -0.54 -2.00
CA ASP A 269 -2.02 -0.76 -3.27
C ASP A 269 -3.45 -0.23 -3.22
N THR A 270 -4.14 -0.23 -2.10
CA THR A 270 -5.59 0.04 -2.14
C THR A 270 -6.06 1.06 -1.12
N ASN A 271 -5.31 2.14 -0.93
CA ASN A 271 -5.69 3.19 0.05
C ASN A 271 -5.60 4.58 -0.59
N ALA A 272 -6.74 5.08 -1.03
CA ALA A 272 -6.86 6.38 -1.73
C ALA A 272 -6.58 7.53 -0.79
N GLY A 273 -6.76 7.35 0.52
CA GLY A 273 -6.53 8.43 1.49
C GLY A 273 -5.10 8.95 1.45
N ALA A 274 -4.18 8.17 0.92
CA ALA A 274 -2.76 8.59 0.82
C ALA A 274 -2.64 9.94 0.09
N THR A 275 -3.48 10.19 -0.94
CA THR A 275 -3.44 11.48 -1.67
C THR A 275 -3.84 12.64 -0.77
N ILE A 276 -4.61 12.38 0.27
CA ILE A 276 -4.97 13.42 1.26
C ILE A 276 -3.90 13.48 2.37
N THR A 277 -3.32 12.34 2.69
CA THR A 277 -2.35 12.23 3.81
C THR A 277 -1.03 12.89 3.43
N ILE A 278 -0.49 12.55 2.25
CA ILE A 278 0.96 12.74 1.96
C ILE A 278 1.32 14.23 2.11
N PRO A 279 0.60 15.21 1.51
CA PRO A 279 1.07 16.60 1.57
C PRO A 279 1.24 17.12 3.01
N ILE A 280 0.25 16.86 3.85
CA ILE A 280 0.31 17.29 5.28
C ILE A 280 1.55 16.67 5.92
N SER A 281 1.74 15.38 5.80
CA SER A 281 2.89 14.67 6.41
C SER A 281 4.17 15.34 5.95
N LEU A 282 4.30 15.61 4.66
CA LEU A 282 5.53 16.25 4.12
C LEU A 282 5.75 17.58 4.82
N ALA A 283 4.71 18.40 4.94
CA ALA A 283 4.85 19.72 5.56
C ALA A 283 5.31 19.54 7.01
N LEU A 284 4.70 18.60 7.73
CA LEU A 284 5.04 18.35 9.14
C LEU A 284 6.43 17.75 9.25
N SER A 285 6.90 17.03 8.24
CA SER A 285 8.28 16.52 8.23
C SER A 285 9.26 17.70 8.14
N ALA A 286 8.90 18.73 7.38
CA ALA A 286 9.78 19.91 7.18
C ALA A 286 9.75 20.75 8.46
N GLU A 287 8.56 20.98 9.00
CA GLU A 287 8.39 21.87 10.18
C GLU A 287 9.17 21.30 11.38
N HIS A 288 9.15 19.98 11.58
CA HIS A 288 9.72 19.32 12.79
C HIS A 288 10.94 18.49 12.42
N SER A 289 11.48 18.68 11.22
CA SER A 289 12.79 18.09 10.81
C SER A 289 12.78 16.59 11.08
N LEU A 290 11.72 15.90 10.65
CA LEU A 290 11.62 14.43 10.75
C LEU A 290 12.34 13.79 9.56
N ASP A 291 13.20 12.82 9.86
CA ASP A 291 13.89 12.02 8.83
C ASP A 291 12.96 10.92 8.32
N MET A 292 12.08 10.43 9.18
CA MET A 292 11.12 9.37 8.79
C MET A 292 9.83 9.66 9.52
N ASN A 293 8.73 9.64 8.77
CA ASN A 293 7.39 9.99 9.30
C ASN A 293 6.41 8.87 9.00
N PHE A 294 5.91 8.25 10.06
CA PHE A 294 4.87 7.19 9.97
C PHE A 294 3.51 7.87 9.87
N THR A 295 2.71 7.42 8.93
CA THR A 295 1.30 7.87 8.86
C THR A 295 0.45 7.02 9.77
N CYS A 296 -0.25 7.66 10.69
CA CYS A 296 -0.91 6.96 11.83
C CYS A 296 -2.35 7.41 11.95
N ILE A 297 -3.17 6.52 12.49
CA ILE A 297 -4.55 6.85 12.90
C ILE A 297 -4.74 6.36 14.33
N PRO A 298 -5.74 6.88 15.07
CA PRO A 298 -6.11 6.28 16.34
C PRO A 298 -6.55 4.85 16.11
N ARG A 299 -6.00 3.94 16.89
CA ARG A 299 -6.22 2.48 16.69
C ARG A 299 -7.21 2.02 17.75
N VAL A 300 -8.19 1.21 17.33
CA VAL A 300 -9.04 0.42 18.26
C VAL A 300 -8.27 -0.85 18.63
N PRO A 301 -8.34 -1.33 19.89
CA PRO A 301 -7.48 -2.43 20.35
C PRO A 301 -7.56 -3.72 19.53
N LYS A 302 -8.73 -3.97 18.94
CA LYS A 302 -8.96 -5.16 18.06
C LYS A 302 -8.87 -4.71 16.60
N GLU A 303 -7.67 -4.44 16.11
CA GLU A 303 -7.49 -3.89 14.75
C GLU A 303 -6.27 -4.53 14.10
N PRO A 304 -6.43 -5.07 12.88
CA PRO A 304 -5.32 -5.67 12.16
C PRO A 304 -4.36 -4.64 11.55
N ILE A 305 -3.94 -3.65 12.36
CA ILE A 305 -2.87 -2.69 11.94
C ILE A 305 -1.87 -2.55 13.08
N GLY A 306 -0.62 -2.29 12.72
CA GLY A 306 0.47 -2.20 13.70
C GLY A 306 0.41 -0.92 14.51
N LEU A 307 1.21 -0.85 15.56
CA LEU A 307 1.25 0.34 16.44
C LEU A 307 2.66 0.91 16.43
N LEU A 308 2.75 2.24 16.41
CA LEU A 308 4.04 2.94 16.39
C LEU A 308 4.42 3.20 17.84
N CYS A 309 5.58 2.71 18.25
CA CYS A 309 5.99 2.77 19.65
C CYS A 309 7.47 3.11 19.74
N ARG A 310 7.86 3.66 20.88
CA ARG A 310 9.29 3.73 21.27
C ARG A 310 9.62 2.43 21.98
N THR A 311 10.60 1.69 21.48
CA THR A 311 10.87 0.31 21.97
C THR A 311 12.33 0.17 22.35
N LYS A 312 12.56 -0.67 23.35
CA LYS A 312 13.89 -1.27 23.67
C LYS A 312 13.64 -2.75 23.88
N LYS A 313 14.20 -3.59 23.01
CA LYS A 313 13.98 -5.06 23.10
C LYS A 313 14.76 -5.63 24.28
N ASN A 314 15.99 -5.14 24.50
CA ASN A 314 16.87 -5.60 25.60
C ASN A 314 17.25 -4.41 26.48
N SER A 315 17.59 -4.70 27.74
CA SER A 315 17.77 -3.65 28.78
C SER A 315 18.89 -2.69 28.40
N GLY A 316 19.91 -3.17 27.68
CA GLY A 316 21.06 -2.34 27.27
C GLY A 316 20.83 -1.63 25.95
N ASP A 317 19.80 -2.05 25.20
CA ASP A 317 19.52 -1.52 23.84
C ASP A 317 19.10 -0.05 23.92
N PRO A 318 19.44 0.76 22.89
CA PRO A 318 18.99 2.14 22.83
C PRO A 318 17.52 2.22 22.38
N TRP A 319 16.91 3.37 22.60
CA TRP A 319 15.52 3.65 22.19
C TRP A 319 15.42 3.57 20.66
N LEU A 320 14.40 2.89 20.16
CA LEU A 320 14.14 2.78 18.71
C LEU A 320 12.66 3.06 18.47
N VAL A 321 12.38 4.04 17.63
CA VAL A 321 10.98 4.33 17.21
C VAL A 321 10.67 3.43 16.03
N ALA A 322 9.71 2.54 16.21
CA ALA A 322 9.43 1.48 15.21
C ALA A 322 7.98 0.99 15.33
N ASN A 323 7.60 0.19 14.36
CA ASN A 323 6.23 -0.37 14.29
C ASN A 323 6.27 -1.74 14.95
N VAL A 324 5.26 -2.02 15.77
CA VAL A 324 5.02 -3.38 16.30
C VAL A 324 3.75 -3.89 15.67
N GLU A 325 3.83 -5.01 14.96
CA GLU A 325 2.65 -5.61 14.26
C GLU A 325 1.61 -6.06 15.28
N TYR A 326 0.38 -6.21 14.80
CA TYR A 326 -0.82 -6.39 15.66
C TYR A 326 -0.65 -7.64 16.54
N ASN A 327 -0.26 -8.76 15.92
CA ASN A 327 -0.13 -10.07 16.62
C ASN A 327 0.90 -9.95 17.73
N VAL A 328 2.05 -9.35 17.42
CA VAL A 328 3.16 -9.19 18.41
C VAL A 328 2.65 -8.35 19.58
N PHE A 329 1.88 -7.31 19.33
CA PHE A 329 1.39 -6.42 20.41
C PHE A 329 0.30 -7.12 21.21
N ALA A 330 -0.49 -7.99 20.57
CA ALA A 330 -1.48 -8.83 21.29
C ALA A 330 -0.76 -9.77 22.27
N GLU A 331 0.32 -10.42 21.80
CA GLU A 331 1.14 -11.35 22.64
C GLU A 331 1.76 -10.57 23.80
N VAL A 332 2.30 -9.38 23.53
CA VAL A 332 2.94 -8.51 24.58
C VAL A 332 1.89 -8.07 25.61
N SER A 333 0.68 -7.73 25.17
CA SER A 333 -0.41 -7.26 26.07
C SER A 333 -0.87 -8.40 26.98
N ARG A 334 -0.91 -9.63 26.46
CA ARG A 334 -1.30 -10.81 27.27
C ARG A 334 -0.27 -10.99 28.40
N ALA A 335 1.00 -10.71 28.12
CA ALA A 335 2.08 -10.88 29.13
C ALA A 335 2.25 -9.57 29.90
N LEU A 336 3.33 -9.46 30.68
CA LEU A 336 3.62 -8.22 31.45
C LEU A 336 2.46 -8.00 32.44
N ASN A 337 2.18 -9.00 33.28
CA ASN A 337 1.11 -8.87 34.31
C ASN A 337 1.47 -7.71 35.25
N LYS A 338 2.71 -7.69 35.76
CA LYS A 338 3.17 -6.57 36.62
C LYS A 338 3.99 -5.61 35.75
N ASP A 339 3.35 -4.92 34.82
CA ASP A 339 4.07 -4.01 33.88
C ASP A 339 3.98 -2.57 34.40
N GLY A 340 3.14 -2.35 35.42
CA GLY A 340 2.99 -1.00 35.99
C GLY A 340 1.66 -0.38 35.59
N GLY A 341 0.76 -0.20 36.55
CA GLY A 341 -0.55 0.43 36.24
C GLY A 341 -1.67 -0.14 37.09
N ASP A 342 -2.88 0.42 36.98
CA ASP A 342 -4.03 -0.04 37.80
C ASP A 342 -4.96 -0.89 36.94
N GLU A 343 -5.33 -0.40 35.76
CA GLU A 343 -6.31 -1.13 34.90
C GLU A 343 -5.73 -1.36 33.50
N VAL A 344 -6.47 -2.08 32.65
CA VAL A 344 -5.99 -2.37 31.26
C VAL A 344 -5.78 -1.06 30.51
N SER A 345 -4.84 -1.03 29.56
CA SER A 345 -4.53 0.21 28.80
C SER A 345 -5.62 0.51 27.77
N ASP A 346 -6.68 1.21 28.18
CA ASP A 346 -7.75 1.62 27.24
C ASP A 346 -8.58 2.74 27.88
N PRO A 347 -8.01 3.92 28.20
CA PRO A 347 -8.75 4.97 28.90
C PRO A 347 -9.49 5.94 27.98
N THR A 348 -9.30 5.80 26.65
CA THR A 348 -9.91 6.73 25.68
C THR A 348 -10.71 5.95 24.63
N GLY A 349 -10.59 4.63 24.63
CA GLY A 349 -11.30 3.79 23.63
C GLY A 349 -10.33 3.35 22.56
N PHE A 350 -9.17 4.00 22.50
CA PHE A 350 -8.17 3.67 21.46
C PHE A 350 -6.91 3.12 22.11
N SER A 351 -6.10 2.40 21.34
CA SER A 351 -4.82 1.89 21.87
C SER A 351 -3.99 3.08 22.33
N PRO A 352 -3.12 2.92 23.33
CA PRO A 352 -2.32 4.01 23.84
C PRO A 352 -1.49 4.59 22.71
N PHE A 353 -0.86 3.72 21.94
CA PHE A 353 0.02 4.18 20.84
C PHE A 353 -0.77 4.27 19.53
N PRO A 354 -0.40 5.18 18.60
CA PRO A 354 -1.16 5.33 17.36
C PRO A 354 -0.96 4.10 16.45
N GLY A 355 -1.92 3.88 15.58
CA GLY A 355 -1.86 2.78 14.60
C GLY A 355 -1.20 3.25 13.32
N SER A 356 -0.20 2.51 12.85
CA SER A 356 0.57 2.82 11.62
C SER A 356 -0.23 2.34 10.40
N VAL A 357 -0.40 3.25 9.44
CA VAL A 357 -1.18 2.97 8.21
C VAL A 357 -0.21 2.48 7.13
N ASN A 358 1.10 2.63 7.31
CA ASN A 358 2.14 2.19 6.33
C ASN A 358 2.10 3.05 5.05
N THR A 359 1.84 4.34 5.24
CA THR A 359 2.25 5.38 4.28
C THR A 359 3.47 6.05 4.90
N LEU A 360 4.66 5.75 4.37
CA LEU A 360 5.93 6.19 4.99
C LEU A 360 6.52 7.38 4.24
N VAL A 361 6.90 8.41 4.98
CA VAL A 361 7.48 9.66 4.41
C VAL A 361 8.91 9.83 4.90
N PHE A 362 9.88 9.68 3.99
CA PHE A 362 11.32 9.81 4.32
C PHE A 362 11.84 11.11 3.72
N LYS A 363 12.75 11.72 4.45
CA LYS A 363 13.74 12.65 3.86
C LYS A 363 14.65 11.83 2.97
N LEU A 364 14.82 12.24 1.72
CA LEU A 364 15.53 11.40 0.72
C LEU A 364 17.00 11.21 1.13
N SER A 365 17.65 12.24 1.64
CA SER A 365 19.11 12.15 1.98
C SER A 365 19.32 11.08 3.06
N SER A 366 18.56 11.16 4.15
CA SER A 366 18.67 10.19 5.27
C SER A 366 18.33 8.78 4.79
N TYR A 367 17.30 8.66 3.96
CA TYR A 367 16.86 7.35 3.42
C TYR A 367 17.99 6.76 2.60
N VAL A 368 18.62 7.57 1.77
CA VAL A 368 19.71 7.07 0.88
C VAL A 368 20.90 6.65 1.74
N ASP A 369 21.21 7.42 2.78
CA ASP A 369 22.35 7.13 3.68
C ASP A 369 22.14 5.73 4.26
N ARG A 370 20.95 5.50 4.84
CA ARG A 370 20.69 4.21 5.54
C ARG A 370 20.60 3.08 4.52
N LEU A 371 20.05 3.37 3.33
CA LEU A 371 19.95 2.34 2.27
C LEU A 371 21.35 1.94 1.82
N ARG A 372 22.25 2.90 1.61
CA ARG A 372 23.65 2.59 1.20
C ARG A 372 24.39 1.83 2.31
N GLU A 373 24.15 2.17 3.57
CA GLU A 373 24.82 1.45 4.68
C GLU A 373 24.28 0.04 4.81
N SER A 374 22.98 -0.16 4.57
CA SER A 374 22.35 -1.48 4.82
C SER A 374 22.22 -2.31 3.55
N HIS A 375 22.49 -1.72 2.38
CA HIS A 375 22.31 -2.38 1.06
C HIS A 375 20.82 -2.71 0.81
N GLY A 376 19.91 -2.05 1.54
CA GLY A 376 18.47 -2.34 1.43
C GLY A 376 18.01 -3.48 2.31
N ILE A 377 18.93 -4.15 3.01
CA ILE A 377 18.58 -5.31 3.86
C ILE A 377 17.90 -4.79 5.12
N VAL A 378 16.79 -5.41 5.47
CA VAL A 378 16.04 -5.07 6.71
C VAL A 378 15.89 -6.33 7.53
N PRO A 379 15.73 -6.19 8.85
CA PRO A 379 15.54 -7.35 9.72
C PRO A 379 14.36 -8.19 9.24
N GLU A 380 14.53 -9.50 9.30
CA GLU A 380 13.55 -10.47 8.78
C GLU A 380 12.82 -11.10 9.97
N PHE A 381 11.80 -11.86 9.64
CA PHE A 381 11.03 -12.66 10.62
C PHE A 381 10.39 -13.86 9.92
N ILE A 382 9.77 -14.70 10.71
CA ILE A 382 8.99 -15.85 10.19
C ILE A 382 7.77 -16.04 11.09
N ASN A 383 6.64 -16.41 10.51
CA ASN A 383 5.37 -16.56 11.25
C ASN A 383 4.62 -17.74 10.68
N PRO A 384 5.05 -18.98 11.00
CA PRO A 384 4.45 -20.16 10.42
C PRO A 384 3.01 -20.32 10.92
N LYS A 385 2.20 -21.02 10.13
CA LYS A 385 0.81 -21.38 10.46
C LYS A 385 0.82 -22.85 10.86
N TYR A 386 0.62 -23.13 12.14
CA TYR A 386 0.68 -24.51 12.66
C TYR A 386 -0.69 -25.16 12.53
N SER A 387 -0.72 -26.49 12.39
CA SER A 387 -1.98 -27.25 12.25
C SER A 387 -2.63 -27.48 13.62
N ASP A 388 -1.90 -28.16 14.52
CA ASP A 388 -2.48 -28.49 15.85
C ASP A 388 -2.20 -27.33 16.82
N GLU A 389 -2.95 -27.33 17.92
CA GLU A 389 -2.95 -26.21 18.88
C GLU A 389 -1.55 -26.03 19.46
N THR A 390 -0.86 -27.14 19.73
CA THR A 390 0.50 -27.06 20.32
C THR A 390 1.51 -27.83 19.47
N ARG A 391 1.06 -28.89 18.81
CA ARG A 391 2.00 -29.71 18.00
C ARG A 391 2.69 -28.82 16.97
N ARG A 392 4.00 -29.02 16.83
CA ARG A 392 4.83 -28.15 15.96
C ARG A 392 4.84 -28.69 14.53
N SER A 393 3.65 -28.98 13.98
CA SER A 393 3.51 -29.44 12.58
C SER A 393 2.94 -28.29 11.74
N PHE A 394 3.55 -28.03 10.57
CA PHE A 394 3.13 -26.90 9.71
C PHE A 394 1.93 -27.29 8.85
N LYS A 395 0.89 -26.45 8.83
CA LYS A 395 -0.26 -26.70 7.93
C LYS A 395 0.18 -26.35 6.51
N LYS A 396 0.85 -25.22 6.35
CA LYS A 396 1.35 -24.80 5.01
C LYS A 396 2.85 -24.52 5.14
N PRO A 397 3.68 -24.88 4.15
CA PRO A 397 5.10 -24.57 4.20
C PRO A 397 5.31 -23.10 4.55
N ALA A 398 6.37 -22.80 5.30
CA ALA A 398 6.59 -21.43 5.78
C ALA A 398 7.72 -20.75 5.03
N ARG A 399 7.84 -19.43 5.16
CA ARG A 399 8.84 -18.64 4.41
C ARG A 399 9.34 -17.52 5.30
N ILE A 400 10.55 -17.03 5.07
CA ILE A 400 11.03 -15.81 5.77
C ILE A 400 10.31 -14.60 5.15
N GLU A 401 9.93 -13.65 5.99
CA GLU A 401 9.23 -12.43 5.53
C GLU A 401 9.99 -11.20 6.01
N SER A 402 9.63 -10.05 5.46
CA SER A 402 10.17 -8.74 5.88
C SER A 402 9.11 -7.66 5.69
N LEU A 403 9.24 -6.59 6.48
CA LEU A 403 8.30 -5.45 6.43
C LEU A 403 9.11 -4.23 6.01
N MET A 404 8.53 -3.40 5.13
CA MET A 404 9.25 -2.23 4.60
C MET A 404 9.29 -1.11 5.64
N GLN A 405 8.42 -1.12 6.64
CA GLN A 405 8.49 -0.15 7.75
C GLN A 405 9.64 -0.48 8.70
N ASP A 406 10.10 -1.72 8.71
CA ASP A 406 11.19 -2.17 9.63
C ASP A 406 12.51 -1.50 9.28
N ILE A 407 12.62 -0.81 8.14
CA ILE A 407 13.81 0.03 7.86
C ILE A 407 13.96 1.08 8.96
N ALA A 408 12.90 1.37 9.72
CA ALA A 408 12.97 2.32 10.86
C ALA A 408 13.97 1.82 11.91
N LEU A 409 14.23 0.50 11.95
CA LEU A 409 15.16 -0.10 12.95
C LEU A 409 16.60 0.34 12.63
N LEU A 410 16.84 0.87 11.43
CA LEU A 410 18.19 1.33 11.04
C LEU A 410 18.37 2.82 11.39
N PHE A 411 17.38 3.45 12.01
CA PHE A 411 17.41 4.90 12.28
C PHE A 411 17.60 5.10 13.78
N SER A 412 18.84 5.40 14.19
CA SER A 412 19.16 5.65 15.61
C SER A 412 18.52 6.96 16.06
N GLU A 413 18.06 7.00 17.30
CA GLU A 413 17.52 8.24 17.91
C GLU A 413 18.63 9.28 18.06
N ASP A 414 19.89 8.86 18.09
CA ASP A 414 21.02 9.80 18.29
C ASP A 414 21.22 10.62 17.01
N ASP A 415 21.15 9.96 15.86
CA ASP A 415 21.52 10.61 14.58
C ASP A 415 20.30 11.04 13.75
N TYR A 416 19.14 10.48 14.00
CA TYR A 416 17.94 10.69 13.14
C TYR A 416 16.73 10.96 14.01
N ARG A 417 15.80 11.72 13.44
CA ARG A 417 14.49 11.95 14.09
C ARG A 417 13.47 11.14 13.32
N VAL A 418 12.83 10.22 14.03
CA VAL A 418 11.74 9.36 13.51
C VAL A 418 10.48 9.65 14.29
N GLY A 419 9.41 10.01 13.59
CA GLY A 419 8.16 10.39 14.23
C GLY A 419 6.95 9.87 13.49
N GLY A 420 5.78 10.29 13.96
CA GLY A 420 4.50 9.85 13.38
C GLY A 420 3.50 10.99 13.36
N THR A 421 2.68 11.03 12.31
CA THR A 421 1.57 12.01 12.21
C THR A 421 0.24 11.29 12.34
N VAL A 422 -0.64 11.82 13.18
CA VAL A 422 -1.92 11.16 13.49
C VAL A 422 -3.02 11.89 12.76
N PHE A 423 -3.67 11.19 11.85
CA PHE A 423 -4.81 11.69 11.07
C PHE A 423 -6.09 11.04 11.59
N GLU A 424 -7.21 11.50 11.05
CA GLU A 424 -8.51 10.90 11.34
C GLU A 424 -8.54 9.47 10.78
N ARG A 425 -9.30 8.61 11.43
CA ARG A 425 -9.49 7.21 10.97
C ARG A 425 -10.14 7.21 9.57
N PHE A 426 -10.96 8.20 9.26
CA PHE A 426 -11.67 8.24 7.95
C PHE A 426 -10.68 8.37 6.80
N SER A 427 -9.49 8.92 7.08
CA SER A 427 -8.45 9.08 6.04
C SER A 427 -7.84 7.75 5.63
N TYR A 428 -8.00 6.72 6.44
CA TYR A 428 -7.50 5.35 6.14
C TYR A 428 -8.64 4.57 5.52
N GLN A 429 -8.55 4.30 4.23
CA GLN A 429 -9.67 3.67 3.46
C GLN A 429 -9.16 2.48 2.66
N PRO A 430 -8.60 1.44 3.26
CA PRO A 430 -8.13 0.31 2.47
C PRO A 430 -9.27 -0.65 2.06
N VAL A 431 -8.99 -1.41 1.02
CA VAL A 431 -9.85 -2.53 0.57
C VAL A 431 -9.09 -3.82 0.84
N LYS A 432 -9.31 -4.42 2.02
CA LYS A 432 -8.53 -5.60 2.47
C LYS A 432 -9.40 -6.83 2.62
N ASN A 433 -10.69 -6.69 2.91
CA ASN A 433 -11.53 -7.84 3.35
C ASN A 433 -12.64 -8.12 2.35
N SER A 434 -13.05 -9.35 2.28
CA SER A 434 -14.22 -9.76 1.48
C SER A 434 -15.51 -9.38 2.20
N LEU A 435 -16.62 -9.46 1.48
CA LEU A 435 -17.96 -9.20 2.05
C LEU A 435 -18.27 -10.12 3.25
N GLU A 436 -17.90 -11.38 3.17
CA GLU A 436 -18.12 -12.36 4.27
C GLU A 436 -17.31 -11.94 5.52
N GLU A 437 -16.03 -11.62 5.34
CA GLU A 437 -15.17 -11.18 6.47
C GLU A 437 -15.70 -9.84 7.00
N ALA A 438 -16.13 -8.96 6.11
CA ALA A 438 -16.63 -7.63 6.52
C ALA A 438 -17.90 -7.81 7.38
N ALA A 439 -18.78 -8.73 7.01
CA ALA A 439 -20.02 -8.96 7.78
C ALA A 439 -19.65 -9.52 9.16
N GLY A 440 -18.72 -10.48 9.17
CA GLY A 440 -18.20 -11.04 10.43
C GLY A 440 -17.59 -9.97 11.31
N LEU A 441 -16.78 -9.08 10.73
CA LEU A 441 -16.10 -8.01 11.51
C LEU A 441 -17.12 -6.97 12.02
N VAL A 442 -18.14 -6.70 11.22
CA VAL A 442 -19.20 -5.72 11.63
C VAL A 442 -20.01 -6.31 12.77
N ALA A 443 -20.22 -7.63 12.78
CA ALA A 443 -20.96 -8.28 13.87
C ALA A 443 -20.26 -8.04 15.21
N GLN A 444 -18.93 -7.88 15.22
CA GLN A 444 -18.16 -7.62 16.45
C GLN A 444 -17.98 -6.11 16.68
N GLY A 445 -18.61 -5.27 15.85
CA GLY A 445 -18.47 -3.81 15.99
C GLY A 445 -17.12 -3.32 15.51
N ASN A 446 -16.60 -3.91 14.43
CA ASN A 446 -15.28 -3.54 13.87
C ASN A 446 -15.46 -2.94 12.47
N GLY A 447 -14.35 -2.44 11.92
CA GLY A 447 -14.33 -1.83 10.57
C GLY A 447 -14.41 -2.88 9.49
N ALA A 448 -15.19 -2.63 8.47
CA ALA A 448 -15.41 -3.60 7.37
C ALA A 448 -14.17 -3.63 6.47
N TYR A 449 -13.72 -2.46 6.02
CA TYR A 449 -12.55 -2.30 5.11
C TYR A 449 -12.71 -3.21 3.90
N CYS A 450 -13.86 -3.13 3.27
CA CYS A 450 -14.22 -3.92 2.07
C CYS A 450 -14.33 -2.98 0.86
N ALA A 451 -14.66 -3.54 -0.29
CA ALA A 451 -14.85 -2.77 -1.53
C ALA A 451 -16.01 -1.77 -1.44
N ALA A 452 -17.11 -2.16 -0.80
CA ALA A 452 -18.28 -1.27 -0.64
C ALA A 452 -17.97 -0.10 0.29
N THR A 453 -17.29 -0.36 1.40
CA THR A 453 -16.88 0.71 2.33
C THR A 453 -15.82 1.61 1.70
N GLY A 454 -14.89 1.05 0.92
CA GLY A 454 -13.85 1.83 0.22
C GLY A 454 -14.46 2.81 -0.78
N GLU A 455 -15.38 2.34 -1.60
CA GLU A 455 -16.05 3.21 -2.59
C GLU A 455 -16.89 4.26 -1.87
N ALA A 456 -17.67 3.87 -0.86
CA ALA A 456 -18.53 4.82 -0.12
C ALA A 456 -17.66 5.89 0.54
N ALA A 457 -16.55 5.47 1.12
CA ALA A 457 -15.63 6.39 1.83
C ALA A 457 -15.02 7.35 0.81
N PHE A 458 -14.73 6.90 -0.42
CA PHE A 458 -14.20 7.79 -1.48
C PHE A 458 -15.22 8.87 -1.80
N TYR A 459 -16.48 8.48 -2.00
CA TYR A 459 -17.55 9.45 -2.30
C TYR A 459 -17.72 10.43 -1.13
N GLU A 460 -17.72 9.92 0.09
CA GLU A 460 -17.89 10.77 1.28
C GLU A 460 -16.70 11.73 1.38
N LEU A 461 -15.48 11.26 1.08
CA LEU A 461 -14.27 12.11 1.15
C LEU A 461 -14.41 13.28 0.17
N GLN A 462 -14.81 13.01 -1.06
CA GLN A 462 -15.00 14.10 -2.05
C GLN A 462 -16.05 15.07 -1.51
N ARG A 463 -17.16 14.57 -0.97
CA ARG A 463 -18.24 15.44 -0.45
C ARG A 463 -17.72 16.29 0.71
N ARG A 464 -16.96 15.70 1.62
CA ARG A 464 -16.45 16.45 2.80
C ARG A 464 -15.46 17.51 2.37
N ARG A 465 -14.59 17.18 1.42
CA ARG A 465 -13.61 18.16 0.92
C ARG A 465 -14.37 19.32 0.25
N LEU A 466 -15.39 19.03 -0.52
CA LEU A 466 -16.11 20.09 -1.27
C LEU A 466 -16.88 20.94 -0.28
N LYS A 467 -17.43 20.36 0.77
CA LYS A 467 -18.19 21.14 1.76
C LYS A 467 -17.21 22.02 2.55
N ALA A 468 -15.95 21.60 2.65
CA ALA A 468 -14.92 22.36 3.40
C ALA A 468 -14.70 23.73 2.73
N ILE A 469 -14.95 23.84 1.43
CA ILE A 469 -14.73 25.12 0.68
C ILE A 469 -16.07 25.83 0.48
N GLY A 470 -17.14 25.35 1.13
CA GLY A 470 -18.42 26.08 1.15
C GLY A 470 -19.45 25.58 0.16
N LEU A 471 -19.22 24.46 -0.52
CA LEU A 471 -20.28 23.86 -1.37
C LEU A 471 -21.42 23.38 -0.48
N PRO A 472 -22.64 23.87 -0.69
CA PRO A 472 -23.77 23.50 0.16
C PRO A 472 -24.41 22.17 -0.26
N LEU A 473 -23.76 21.07 0.09
CA LEU A 473 -24.28 19.70 -0.16
C LEU A 473 -25.12 19.27 1.03
N PHE A 474 -26.43 19.21 0.82
CA PHE A 474 -27.37 18.69 1.83
C PHE A 474 -27.74 17.28 1.40
N TYR A 475 -27.34 16.30 2.20
CA TYR A 475 -27.69 14.90 1.92
C TYR A 475 -27.86 14.18 3.25
N SER A 476 -28.68 13.12 3.22
CA SER A 476 -28.89 12.26 4.39
C SER A 476 -27.70 11.34 4.59
N SER A 477 -27.46 10.94 5.83
CA SER A 477 -26.40 9.97 6.20
C SER A 477 -26.94 8.54 6.18
N GLN A 478 -28.22 8.36 5.87
CA GLN A 478 -28.83 7.01 5.87
C GLN A 478 -28.27 6.22 4.70
N PRO A 479 -27.97 4.92 4.87
CA PRO A 479 -27.49 4.10 3.77
C PRO A 479 -28.56 3.96 2.68
N GLU A 480 -28.12 3.74 1.44
CA GLU A 480 -29.02 3.57 0.29
C GLU A 480 -29.05 2.12 -0.19
N VAL A 481 -28.15 1.26 0.29
CA VAL A 481 -28.06 -0.14 -0.19
C VAL A 481 -27.47 -0.97 0.92
N THR A 482 -28.06 -2.12 1.17
CA THR A 482 -27.56 -3.07 2.18
C THR A 482 -26.81 -4.14 1.41
N VAL A 483 -25.72 -4.61 1.98
CA VAL A 483 -24.90 -5.65 1.30
C VAL A 483 -24.61 -6.76 2.28
N ALA A 484 -24.19 -7.89 1.74
CA ALA A 484 -23.77 -9.09 2.49
C ALA A 484 -24.93 -9.57 3.35
N LYS A 485 -26.01 -9.98 2.68
CA LYS A 485 -27.20 -10.60 3.35
C LYS A 485 -27.68 -9.68 4.47
N ASP A 486 -27.87 -8.40 4.15
CA ASP A 486 -28.46 -7.38 5.06
C ASP A 486 -27.63 -7.31 6.36
N ALA A 487 -26.31 -7.38 6.26
CA ALA A 487 -25.42 -7.26 7.44
C ALA A 487 -25.19 -5.78 7.74
N PHE A 488 -24.89 -4.99 6.71
CA PHE A 488 -24.64 -3.54 6.89
C PHE A 488 -24.99 -2.82 5.59
N GLY A 489 -25.18 -1.53 5.73
CA GLY A 489 -25.55 -0.66 4.60
C GLY A 489 -24.49 0.38 4.33
N VAL A 490 -24.45 0.86 3.10
CA VAL A 490 -23.58 2.00 2.72
C VAL A 490 -24.42 2.94 1.91
N ARG A 491 -23.98 4.18 1.86
CA ARG A 491 -24.57 5.16 0.94
C ARG A 491 -23.49 5.65 -0.01
N LEU A 492 -23.91 6.03 -1.20
CA LEU A 492 -22.98 6.46 -2.27
C LEU A 492 -23.28 7.89 -2.71
N PHE A 493 -24.54 8.26 -2.79
CA PHE A 493 -24.97 9.53 -3.40
C PHE A 493 -24.96 10.63 -2.35
N PRO A 494 -24.74 11.90 -2.75
CA PRO A 494 -24.41 12.30 -4.12
C PRO A 494 -22.98 11.95 -4.53
N ILE A 495 -22.82 11.49 -5.76
CA ILE A 495 -21.49 11.13 -6.32
C ILE A 495 -20.91 12.33 -7.04
N ILE A 496 -19.74 12.78 -6.61
CA ILE A 496 -19.02 13.92 -7.25
C ILE A 496 -17.57 13.49 -7.45
N VAL A 497 -17.21 13.25 -8.71
CA VAL A 497 -15.84 12.79 -9.06
C VAL A 497 -15.19 13.79 -10.02
N LEU A 498 -14.13 14.42 -9.55
CA LEU A 498 -13.31 15.36 -10.35
C LEU A 498 -12.00 14.68 -10.69
N ASP A 499 -11.57 14.83 -11.93
CA ASP A 499 -10.29 14.20 -12.39
C ASP A 499 -9.13 15.11 -12.02
N THR A 500 -7.92 14.64 -12.25
CA THR A 500 -6.69 15.35 -11.81
C THR A 500 -6.46 16.62 -12.62
N VAL A 501 -7.00 16.70 -13.83
CA VAL A 501 -6.91 17.95 -14.63
C VAL A 501 -7.82 18.99 -13.97
N CYS A 502 -9.00 18.60 -13.49
CA CYS A 502 -9.97 19.55 -12.89
C CYS A 502 -9.53 19.95 -11.50
N ALA A 503 -9.28 18.96 -10.63
CA ALA A 503 -9.04 19.19 -9.18
C ALA A 503 -7.55 19.42 -8.91
N SER A 504 -6.70 19.20 -9.90
CA SER A 504 -5.23 19.37 -9.73
C SER A 504 -4.73 18.48 -8.58
N SER A 505 -4.07 19.06 -7.59
CA SER A 505 -3.49 18.27 -6.48
C SER A 505 -4.59 17.72 -5.54
N GLY A 506 -5.81 18.24 -5.62
CA GLY A 506 -6.89 17.85 -4.73
C GLY A 506 -6.89 18.67 -3.44
N SER A 507 -6.03 19.68 -3.36
CA SER A 507 -6.00 20.58 -2.18
C SER A 507 -7.26 21.42 -2.16
N LEU A 508 -7.56 22.00 -1.00
CA LEU A 508 -8.76 22.85 -0.81
C LEU A 508 -8.68 24.09 -1.71
N ASP A 509 -7.50 24.64 -1.91
CA ASP A 509 -7.30 25.80 -2.82
C ASP A 509 -7.59 25.34 -4.24
N ASP A 510 -7.09 24.18 -4.63
CA ASP A 510 -7.29 23.65 -5.99
C ASP A 510 -8.78 23.35 -6.17
N LEU A 511 -9.44 22.87 -5.14
CA LEU A 511 -10.90 22.61 -5.22
C LEU A 511 -11.63 23.96 -5.35
N ALA A 512 -11.19 24.98 -4.64
CA ALA A 512 -11.81 26.32 -4.71
C ALA A 512 -11.60 26.97 -6.09
N ARG A 513 -10.54 26.60 -6.81
CA ARG A 513 -10.39 27.04 -8.21
C ARG A 513 -11.50 26.45 -9.10
N VAL A 514 -12.05 25.31 -8.72
CA VAL A 514 -13.13 24.66 -9.52
C VAL A 514 -14.51 25.26 -9.16
N PHE A 515 -14.69 25.64 -7.91
CA PHE A 515 -15.94 26.29 -7.45
C PHE A 515 -15.63 27.65 -6.85
N PRO A 516 -15.44 28.70 -7.68
CA PRO A 516 -15.10 30.02 -7.15
C PRO A 516 -16.27 30.71 -6.45
N THR A 517 -17.51 30.34 -6.79
CA THR A 517 -18.74 30.86 -6.13
C THR A 517 -19.59 29.69 -5.68
N PRO A 518 -19.12 28.93 -4.67
CA PRO A 518 -19.76 27.65 -4.34
C PRO A 518 -21.21 27.79 -3.84
N GLU A 519 -21.63 28.98 -3.42
CA GLU A 519 -23.00 29.18 -2.88
C GLU A 519 -24.03 29.11 -4.00
N LYS A 520 -23.60 29.24 -5.25
CA LYS A 520 -24.51 29.19 -6.44
C LYS A 520 -24.52 27.81 -7.09
N VAL A 521 -23.87 26.82 -6.49
CA VAL A 521 -23.84 25.43 -7.02
C VAL A 521 -24.66 24.53 -6.10
N HIS A 522 -25.77 24.01 -6.61
CA HIS A 522 -26.75 23.22 -5.83
C HIS A 522 -26.86 21.83 -6.46
N ILE A 523 -26.24 20.86 -5.79
CA ILE A 523 -26.23 19.46 -6.26
C ILE A 523 -27.13 18.70 -5.30
N ASP A 524 -28.19 18.12 -5.84
CA ASP A 524 -29.15 17.34 -5.04
C ASP A 524 -28.48 16.05 -4.57
N GLN A 525 -28.95 15.54 -3.43
CA GLN A 525 -28.38 14.36 -2.74
C GLN A 525 -28.41 13.09 -3.60
N HIS A 526 -29.30 13.01 -4.59
CA HIS A 526 -29.40 11.85 -5.53
C HIS A 526 -28.64 12.11 -6.83
N SER A 527 -27.94 13.21 -6.96
CA SER A 527 -27.32 13.61 -8.25
C SER A 527 -25.96 12.95 -8.41
N THR A 528 -25.47 12.96 -9.65
CA THR A 528 -24.12 12.50 -10.02
C THR A 528 -23.45 13.57 -10.85
N LEU A 529 -22.24 13.96 -10.45
CA LEU A 529 -21.46 14.98 -11.19
C LEU A 529 -20.06 14.46 -11.50
N ILE A 530 -19.81 14.15 -12.76
CA ILE A 530 -18.47 13.72 -13.24
C ILE A 530 -17.86 14.91 -13.98
N VAL A 531 -16.67 15.30 -13.56
CA VAL A 531 -15.97 16.44 -14.18
C VAL A 531 -14.61 15.96 -14.68
N GLU A 532 -14.41 16.10 -15.99
CA GLU A 532 -13.15 15.71 -16.65
C GLU A 532 -12.54 16.94 -17.34
N GLY A 533 -11.23 17.08 -17.20
CA GLY A 533 -10.48 18.16 -17.87
C GLY A 533 -10.55 19.48 -17.15
N ARG A 534 -10.06 20.51 -17.81
CA ARG A 534 -9.98 21.87 -17.24
C ARG A 534 -11.37 22.51 -17.24
N VAL A 535 -12.08 22.40 -16.13
CA VAL A 535 -13.46 22.93 -16.00
C VAL A 535 -13.52 23.81 -14.77
N ILE A 536 -14.26 24.90 -14.89
CA ILE A 536 -14.63 25.80 -13.77
C ILE A 536 -16.15 25.85 -13.74
N ILE A 537 -16.72 25.65 -12.55
CA ILE A 537 -18.19 25.66 -12.37
C ILE A 537 -18.55 26.83 -11.47
N GLU A 538 -19.22 27.83 -12.04
CA GLU A 538 -19.63 29.03 -11.29
C GLU A 538 -21.03 28.83 -10.71
N SER A 539 -21.98 28.47 -11.55
CA SER A 539 -23.39 28.31 -11.14
C SER A 539 -23.93 27.06 -11.79
N LEU A 540 -24.63 26.24 -11.02
CA LEU A 540 -25.18 24.96 -11.51
C LEU A 540 -26.32 24.54 -10.58
N GLU A 541 -27.38 24.03 -11.19
CA GLU A 541 -28.50 23.40 -10.46
C GLU A 541 -28.69 22.00 -11.05
N LEU A 542 -28.32 20.96 -10.31
CA LEU A 542 -28.23 19.58 -10.86
C LEU A 542 -29.19 18.67 -10.12
N TYR A 543 -30.15 18.12 -10.87
CA TYR A 543 -31.10 17.11 -10.37
C TYR A 543 -31.03 15.90 -11.29
N GLY A 544 -30.03 15.06 -11.07
CA GLY A 544 -29.72 13.94 -11.98
C GLY A 544 -28.22 13.75 -12.20
N ALA A 545 -27.87 13.18 -13.34
CA ALA A 545 -26.49 12.82 -13.67
C ALA A 545 -25.97 13.73 -14.77
N LEU A 546 -24.77 14.25 -14.58
CA LEU A 546 -24.13 15.22 -15.51
C LEU A 546 -22.64 14.91 -15.60
N THR A 547 -22.16 14.79 -16.83
CA THR A 547 -20.71 14.76 -17.12
C THR A 547 -20.33 16.08 -17.81
N ILE A 548 -19.41 16.81 -17.22
CA ILE A 548 -18.84 18.03 -17.84
C ILE A 548 -17.41 17.72 -18.28
N ARG A 549 -17.14 17.85 -19.56
CA ARG A 549 -15.80 17.56 -20.14
C ARG A 549 -15.14 18.85 -20.56
N GLY A 550 -13.89 19.00 -20.19
CA GLY A 550 -13.11 20.18 -20.57
C GLY A 550 -11.85 19.76 -21.30
N PRO A 551 -10.96 20.72 -21.60
CA PRO A 551 -9.71 20.41 -22.29
C PRO A 551 -8.81 19.44 -21.51
N THR A 552 -8.30 18.45 -22.22
CA THR A 552 -7.43 17.42 -21.61
C THR A 552 -6.10 18.01 -21.17
N ASP A 553 -5.67 19.12 -21.78
CA ASP A 553 -4.41 19.81 -21.41
C ASP A 553 -4.66 20.71 -20.20
N SER A 554 -3.74 20.69 -19.24
CA SER A 554 -3.86 21.45 -17.97
C SER A 554 -3.73 22.96 -18.23
N MET A 555 -2.78 23.36 -19.09
CA MET A 555 -2.47 24.80 -19.34
C MET A 555 -3.41 25.36 -20.40
N ALA A 556 -4.31 24.55 -20.97
CA ALA A 556 -5.33 25.05 -21.92
C ALA A 556 -6.31 25.94 -21.16
N LEU A 557 -6.98 26.82 -21.89
CA LEU A 557 -8.01 27.71 -21.31
C LEU A 557 -9.21 26.90 -20.83
N PRO A 558 -9.81 27.29 -19.69
CA PRO A 558 -10.81 26.47 -19.05
C PRO A 558 -12.22 26.68 -19.61
N HIS A 559 -12.98 25.59 -19.67
CA HIS A 559 -14.43 25.60 -19.95
C HIS A 559 -15.17 26.07 -18.70
N VAL A 560 -15.92 27.16 -18.80
CA VAL A 560 -16.63 27.76 -17.65
C VAL A 560 -18.11 27.47 -17.81
N VAL A 561 -18.74 27.03 -16.72
CA VAL A 561 -20.16 26.64 -16.71
C VAL A 561 -20.92 27.66 -15.87
N ARG A 562 -21.89 28.32 -16.50
CA ARG A 562 -22.65 29.39 -15.82
C ARG A 562 -24.14 29.09 -16.00
N ASN A 563 -24.90 29.29 -14.93
CA ASN A 563 -26.39 29.30 -14.94
C ASN A 563 -26.93 28.03 -15.59
N ALA A 564 -26.23 26.91 -15.47
CA ALA A 564 -26.68 25.63 -16.06
C ALA A 564 -27.75 25.01 -15.17
N VAL A 565 -28.76 24.43 -15.78
CA VAL A 565 -29.83 23.66 -15.09
C VAL A 565 -29.96 22.33 -15.81
N VAL A 566 -29.75 21.22 -15.10
CA VAL A 566 -29.83 19.86 -15.68
C VAL A 566 -30.77 19.02 -14.85
N ARG A 567 -31.72 18.37 -15.50
CA ARG A 567 -32.70 17.49 -14.83
C ARG A 567 -32.86 16.23 -15.66
N ASN A 568 -32.62 15.08 -15.05
CA ASN A 568 -32.83 13.78 -15.73
C ASN A 568 -33.00 12.70 -14.67
N ALA A 569 -33.24 11.48 -15.12
CA ALA A 569 -33.45 10.32 -14.22
C ALA A 569 -32.18 10.00 -13.42
N GLY A 570 -31.00 10.36 -13.94
CA GLY A 570 -29.74 10.14 -13.20
C GLY A 570 -29.52 8.67 -12.91
N TRP A 571 -28.90 8.37 -11.79
CA TRP A 571 -28.36 7.03 -11.48
C TRP A 571 -29.08 6.50 -10.26
N SER A 572 -29.03 5.18 -10.10
CA SER A 572 -29.48 4.52 -8.85
C SER A 572 -28.46 3.46 -8.46
N VAL A 573 -28.66 2.89 -7.28
CA VAL A 573 -27.85 1.72 -6.87
C VAL A 573 -28.79 0.64 -6.35
N HIS A 574 -28.51 -0.60 -6.69
CA HIS A 574 -29.28 -1.73 -6.11
C HIS A 574 -28.32 -2.87 -5.77
N ALA A 575 -28.68 -3.61 -4.73
CA ALA A 575 -27.85 -4.73 -4.24
C ALA A 575 -27.93 -5.89 -5.22
N ILE A 576 -26.92 -6.73 -5.16
CA ILE A 576 -26.90 -7.98 -5.94
C ILE A 576 -27.76 -8.97 -5.18
N LEU A 577 -28.86 -9.40 -5.78
CA LEU A 577 -29.81 -10.34 -5.13
C LEU A 577 -29.13 -11.71 -5.03
N SER A 578 -29.42 -12.42 -3.94
CA SER A 578 -28.97 -13.82 -3.78
C SER A 578 -29.67 -14.71 -4.82
N LEU A 579 -30.90 -14.35 -5.22
CA LEU A 579 -31.73 -15.13 -6.17
C LEU A 579 -31.34 -14.82 -7.62
N CYS A 580 -30.15 -14.25 -7.84
CA CYS A 580 -29.63 -14.03 -9.21
C CYS A 580 -29.48 -15.38 -9.91
N ALA A 581 -29.97 -15.49 -11.15
CA ALA A 581 -29.92 -16.73 -11.94
C ALA A 581 -28.47 -17.04 -12.32
N GLY A 582 -27.72 -16.03 -12.74
CA GLY A 582 -26.29 -16.18 -13.08
C GLY A 582 -26.07 -16.41 -14.56
N ARG A 583 -27.11 -16.72 -15.35
CA ARG A 583 -26.95 -16.82 -16.82
C ARG A 583 -26.99 -15.40 -17.40
N ASP A 584 -26.21 -15.11 -18.45
CA ASP A 584 -26.02 -13.72 -19.01
C ASP A 584 -25.57 -12.79 -17.87
N SER A 585 -24.72 -13.29 -16.96
CA SER A 585 -24.32 -12.49 -15.78
C SER A 585 -23.38 -11.40 -16.30
N ARG A 586 -23.89 -10.17 -16.42
CA ARG A 586 -22.99 -9.00 -16.67
C ARG A 586 -22.36 -8.64 -15.33
N LEU A 587 -22.70 -9.39 -14.28
CA LEU A 587 -22.14 -9.21 -12.91
C LEU A 587 -20.75 -9.82 -12.83
N SER A 588 -19.73 -8.98 -12.85
CA SER A 588 -18.32 -9.40 -12.69
C SER A 588 -17.97 -9.53 -11.21
N GLU A 589 -16.76 -9.99 -10.93
CA GLU A 589 -16.26 -10.11 -9.55
C GLU A 589 -16.03 -8.72 -8.97
N VAL A 590 -15.85 -7.70 -9.79
CA VAL A 590 -15.74 -6.30 -9.30
C VAL A 590 -17.07 -5.85 -8.69
N ASP A 591 -18.17 -6.19 -9.34
CA ASP A 591 -19.52 -5.94 -8.78
C ASP A 591 -19.75 -6.81 -7.56
N ARG A 592 -19.34 -8.06 -7.62
CA ARG A 592 -19.73 -9.07 -6.61
C ARG A 592 -19.06 -8.79 -5.27
N ILE A 593 -17.86 -8.22 -5.27
CA ILE A 593 -17.08 -8.00 -4.01
C ILE A 593 -17.56 -6.75 -3.27
N ARG A 594 -18.37 -5.90 -3.91
CA ARG A 594 -18.95 -4.73 -3.21
C ARG A 594 -20.44 -4.95 -2.88
N GLY A 595 -21.09 -5.89 -3.57
CA GLY A 595 -22.46 -6.33 -3.24
C GLY A 595 -23.54 -5.48 -3.84
N PHE A 596 -23.19 -4.54 -4.70
CA PHE A 596 -24.17 -3.64 -5.34
C PHE A 596 -23.68 -3.31 -6.74
N VAL A 597 -24.59 -2.76 -7.52
CA VAL A 597 -24.30 -2.25 -8.87
C VAL A 597 -24.99 -0.89 -9.02
N LEU A 598 -24.29 0.00 -9.73
CA LEU A 598 -24.88 1.29 -10.10
C LEU A 598 -25.62 1.14 -11.42
N LYS A 599 -26.88 1.58 -11.45
CA LYS A 599 -27.68 1.70 -12.67
C LYS A 599 -27.51 3.12 -13.18
N LYS A 600 -26.82 3.26 -14.30
CA LYS A 600 -26.58 4.56 -14.98
C LYS A 600 -27.67 4.79 -16.00
N THR A 601 -28.88 5.06 -15.51
CA THR A 601 -30.08 5.14 -16.36
C THR A 601 -29.96 6.31 -17.33
N ALA A 602 -29.55 7.46 -16.84
CA ALA A 602 -29.51 8.67 -17.69
C ALA A 602 -28.26 9.46 -17.36
N MET A 603 -27.82 10.25 -18.31
CA MET A 603 -26.63 11.08 -18.10
C MET A 603 -26.58 12.19 -19.15
N ALA A 604 -26.44 13.44 -18.72
CA ALA A 604 -26.24 14.58 -19.63
C ALA A 604 -24.75 14.81 -19.78
N VAL A 605 -24.38 15.32 -20.95
CA VAL A 605 -22.97 15.66 -21.26
C VAL A 605 -22.94 17.09 -21.75
N MET A 606 -22.08 17.91 -21.13
CA MET A 606 -21.65 19.21 -21.69
C MET A 606 -20.17 19.12 -22.08
N ASP A 607 -19.88 19.34 -23.36
CA ASP A 607 -18.49 19.36 -23.89
C ASP A 607 -18.10 20.82 -24.15
N CYS A 608 -16.90 21.00 -24.70
CA CYS A 608 -16.37 22.32 -25.14
C CYS A 608 -16.53 23.35 -24.00
#